data_9F2M
#
_entry.id   9F2M
#
_cell.length_a   36.230
_cell.length_b   36.230
_cell.length_c   69.590
_cell.angle_alpha   90.000
_cell.angle_beta   90.000
_cell.angle_gamma   120.000
#
_symmetry.space_group_name_H-M   'P 32'
#
loop_
_entity.id
_entity.type
_entity.pdbx_description
1 polymer 'Autophagy-related protein'
2 polymer 'RxLR effector protein 54'
3 water water
#
loop_
_entity_poly.entity_id
_entity_poly.type
_entity_poly.pdbx_seq_one_letter_code
_entity_poly.pdbx_strand_id
1 'polypeptide(L)'
;SFKKEHPLEKRQAEASRIRNKYPDRIPVIVERAEKSDIPDIDKKKYLVPADLTVGQFVFVIRKRIKLSAEKAIFIFVRNV
LPPTAAMMSAIYDEHKDDDGFLYLTYSGE
;
A
2 'polypeptide(L)' DWEIV D
#
# COMPACT_ATOMS: atom_id res chain seq x y z
N SER A 1 3.21 -10.72 6.21
CA SER A 1 3.34 -10.86 7.65
C SER A 1 2.49 -9.91 8.45
N PHE A 2 2.01 -8.83 7.83
CA PHE A 2 1.07 -7.96 8.53
C PHE A 2 -0.13 -8.76 9.01
N LYS A 3 -0.75 -9.53 8.10
CA LYS A 3 -1.90 -10.35 8.47
C LYS A 3 -1.52 -11.37 9.53
N LYS A 4 -0.32 -11.93 9.45
CA LYS A 4 0.08 -12.93 10.44
C LYS A 4 0.29 -12.31 11.81
N GLU A 5 0.76 -11.05 11.86
CA GLU A 5 1.08 -10.38 13.10
C GLU A 5 -0.12 -9.73 13.80
N HIS A 6 -1.27 -9.61 13.12
CA HIS A 6 -2.48 -8.99 13.67
C HIS A 6 -3.70 -9.85 13.38
N PRO A 7 -4.44 -10.30 14.38
CA PRO A 7 -5.63 -11.13 14.12
C PRO A 7 -6.65 -10.43 13.23
N LEU A 8 -7.37 -11.24 12.43
CA LEU A 8 -8.38 -10.70 11.54
C LEU A 8 -9.41 -9.86 12.29
N GLU A 9 -9.71 -10.25 13.53
CA GLU A 9 -10.62 -9.49 14.36
C GLU A 9 -10.14 -8.06 14.53
N LYS A 10 -8.88 -7.89 14.89
CA LYS A 10 -8.37 -6.56 15.14
C LYS A 10 -8.14 -5.78 13.85
N ARG A 11 -7.78 -6.44 12.76
CA ARG A 11 -7.60 -5.73 11.51
C ARG A 11 -8.91 -5.10 11.06
N GLN A 12 -10.00 -5.87 11.09
CA GLN A 12 -11.30 -5.39 10.63
C GLN A 12 -11.72 -4.16 11.41
N ALA A 13 -11.51 -4.18 12.74
CA ALA A 13 -12.01 -3.11 13.61
C ALA A 13 -11.25 -1.80 13.37
N GLU A 14 -9.94 -1.88 13.14
CA GLU A 14 -9.16 -0.67 12.89
C GLU A 14 -9.51 -0.06 11.56
N ALA A 15 -9.72 -0.87 10.53
CA ALA A 15 -10.14 -0.34 9.24
C ALA A 15 -11.47 0.40 9.34
N SER A 16 -12.41 -0.13 10.12
CA SER A 16 -13.71 0.54 10.24
C SER A 16 -13.57 1.92 10.84
N ARG A 17 -12.69 2.07 11.85
CA ARG A 17 -12.49 3.37 12.51
C ARG A 17 -11.93 4.39 11.55
N ILE A 18 -10.90 4.00 10.80
CA ILE A 18 -10.23 4.89 9.87
C ILE A 18 -11.16 5.33 8.76
N ARG A 19 -12.01 4.43 8.25
CA ARG A 19 -12.88 4.85 7.16
C ARG A 19 -13.95 5.81 7.64
N ASN A 20 -14.30 5.73 8.91
CA ASN A 20 -15.28 6.65 9.50
C ASN A 20 -14.67 8.03 9.71
N LYS A 21 -13.44 8.08 10.21
CA LYS A 21 -12.86 9.33 10.66
C LYS A 21 -12.15 10.10 9.55
N TYR A 22 -11.53 9.40 8.62
CA TYR A 22 -10.71 10.03 7.57
C TYR A 22 -11.24 9.58 6.23
N PRO A 23 -12.44 10.00 5.85
CA PRO A 23 -13.06 9.47 4.62
C PRO A 23 -12.39 9.93 3.38
N ASP A 24 -11.51 10.92 3.44
CA ASP A 24 -10.84 11.34 2.24
C ASP A 24 -9.51 10.61 2.05
N ARG A 25 -9.19 9.63 2.90
CA ARG A 25 -7.96 8.88 2.84
C ARG A 25 -8.22 7.37 2.76
N ILE A 26 -7.20 6.65 2.30
CA ILE A 26 -7.27 5.21 2.03
C ILE A 26 -6.26 4.51 2.93
N PRO A 27 -6.66 3.52 3.74
CA PRO A 27 -5.74 2.75 4.60
C PRO A 27 -5.05 1.68 3.80
N VAL A 28 -3.73 1.79 3.71
CA VAL A 28 -2.98 0.88 2.85
C VAL A 28 -1.92 0.20 3.69
N ILE A 29 -1.81 -1.14 3.54
CA ILE A 29 -0.67 -1.90 4.08
C ILE A 29 0.31 -2.13 2.95
N VAL A 30 1.60 -1.81 3.14
CA VAL A 30 2.59 -1.94 2.07
C VAL A 30 3.66 -2.91 2.53
N GLU A 31 3.96 -3.95 1.74
CA GLU A 31 4.99 -4.92 2.08
C GLU A 31 5.81 -5.28 0.85
N ARG A 32 7.02 -5.73 1.09
CA ARG A 32 7.87 -6.07 -0.05
C ARG A 32 7.37 -7.39 -0.61
N ALA A 33 7.41 -7.51 -1.94
CA ALA A 33 6.94 -8.72 -2.60
C ALA A 33 7.88 -9.87 -2.28
N GLU A 34 7.34 -11.09 -2.34
CA GLU A 34 8.15 -12.28 -2.07
CA GLU A 34 8.16 -12.27 -2.05
C GLU A 34 9.27 -12.43 -3.08
N LYS A 35 10.47 -12.74 -2.57
CA LYS A 35 11.70 -12.99 -3.32
C LYS A 35 12.31 -11.74 -3.94
N SER A 36 11.80 -10.55 -3.66
CA SER A 36 12.34 -9.36 -4.29
C SER A 36 13.67 -8.92 -3.69
N ASP A 37 14.62 -8.59 -4.55
CA ASP A 37 15.91 -8.01 -4.17
C ASP A 37 15.84 -6.48 -4.16
N ILE A 38 14.99 -5.89 -3.32
CA ILE A 38 15.24 -4.49 -3.00
C ILE A 38 14.93 -4.31 -1.53
N PRO A 39 15.17 -3.12 -0.94
CA PRO A 39 15.12 -3.01 0.51
C PRO A 39 13.73 -3.19 1.06
N ASP A 40 13.66 -3.84 2.21
CA ASP A 40 12.41 -3.89 2.96
C ASP A 40 12.06 -2.48 3.41
N ILE A 41 10.81 -2.29 3.78
CA ILE A 41 10.33 -0.99 4.17
C ILE A 41 10.10 -0.97 5.67
N ASP A 42 10.42 0.17 6.29
CA ASP A 42 10.40 0.24 7.76
C ASP A 42 8.97 0.21 8.28
N LYS A 43 8.15 1.17 7.86
CA LYS A 43 6.75 1.30 8.29
C LYS A 43 5.84 0.69 7.23
N LYS A 44 4.82 -0.08 7.67
CA LYS A 44 3.90 -0.78 6.75
C LYS A 44 2.54 -0.09 6.58
N LYS A 45 2.08 0.77 7.53
CA LYS A 45 0.72 1.33 7.50
C LYS A 45 0.70 2.79 7.03
N TYR A 46 -0.02 3.06 5.92
CA TYR A 46 0.04 4.34 5.25
C TYR A 46 -1.37 4.86 5.06
N LEU A 47 -1.66 6.09 5.46
CA LEU A 47 -3.01 6.66 5.25
C LEU A 47 -2.90 7.64 4.07
N VAL A 48 -3.40 7.24 2.90
CA VAL A 48 -3.04 7.79 1.58
C VAL A 48 -4.19 8.69 1.10
N PRO A 49 -3.96 9.89 0.55
CA PRO A 49 -5.08 10.63 -0.06
C PRO A 49 -5.77 9.80 -1.14
N ALA A 50 -7.10 9.89 -1.15
CA ALA A 50 -7.87 9.16 -2.15
C ALA A 50 -7.43 9.49 -3.57
N ASP A 51 -7.03 10.75 -3.83
CA ASP A 51 -6.65 11.16 -5.17
C ASP A 51 -5.22 10.81 -5.53
N LEU A 52 -4.43 10.32 -4.57
CA LEU A 52 -3.04 10.01 -4.88
C LEU A 52 -3.03 8.89 -5.91
N THR A 53 -2.19 9.03 -6.94
CA THR A 53 -2.10 7.94 -7.94
C THR A 53 -1.11 6.87 -7.51
N VAL A 54 -1.27 5.70 -8.14
CA VAL A 54 -0.29 4.63 -7.93
C VAL A 54 1.10 5.15 -8.25
N GLY A 55 1.21 5.91 -9.33
CA GLY A 55 2.52 6.38 -9.72
C GLY A 55 3.09 7.31 -8.68
N GLN A 56 2.23 8.13 -8.09
CA GLN A 56 2.76 9.02 -7.07
C GLN A 56 3.16 8.26 -5.79
N PHE A 57 2.49 7.14 -5.52
CA PHE A 57 2.82 6.34 -4.34
C PHE A 57 4.15 5.61 -4.54
N VAL A 58 4.53 5.35 -5.79
CA VAL A 58 5.87 4.82 -6.05
C VAL A 58 6.93 5.76 -5.48
N PHE A 59 6.75 7.07 -5.65
CA PHE A 59 7.72 8.04 -5.13
CA PHE A 59 7.71 8.03 -5.12
C PHE A 59 7.79 7.97 -3.61
N VAL A 60 6.65 7.78 -2.94
CA VAL A 60 6.61 7.65 -1.48
C VAL A 60 7.48 6.49 -1.04
N ILE A 61 7.29 5.32 -1.67
CA ILE A 61 8.07 4.15 -1.31
C ILE A 61 9.54 4.43 -1.56
N ARG A 62 9.85 5.05 -2.72
CA ARG A 62 11.26 5.31 -3.04
C ARG A 62 11.96 6.10 -1.94
N LYS A 63 11.29 7.10 -1.38
CA LYS A 63 11.90 7.96 -0.39
C LYS A 63 12.18 7.20 0.91
N ARG A 64 11.28 6.27 1.28
CA ARG A 64 11.48 5.46 2.48
C ARG A 64 12.65 4.52 2.31
N ILE A 65 12.66 3.73 1.23
CA ILE A 65 13.66 2.67 1.05
C ILE A 65 14.97 3.18 0.48
N LYS A 66 15.00 4.44 0.09
CA LYS A 66 16.24 5.16 -0.26
C LYS A 66 16.93 4.50 -1.44
N LEU A 67 16.12 4.09 -2.43
CA LEU A 67 16.60 3.43 -3.63
C LEU A 67 16.91 4.47 -4.70
N SER A 68 18.08 4.36 -5.32
CA SER A 68 18.45 5.25 -6.41
C SER A 68 17.42 5.21 -7.52
N ALA A 69 17.16 6.38 -8.12
CA ALA A 69 16.16 6.52 -9.17
C ALA A 69 16.52 5.70 -10.43
N GLU A 70 17.80 5.40 -10.66
CA GLU A 70 18.19 4.50 -11.74
C GLU A 70 17.51 3.13 -11.65
N LYS A 71 17.01 2.72 -10.48
CA LYS A 71 16.45 1.38 -10.29
C LYS A 71 14.95 1.50 -10.09
N ALA A 72 14.17 0.71 -10.83
CA ALA A 72 12.73 0.95 -10.92
C ALA A 72 12.03 0.26 -9.77
N ILE A 73 10.86 0.79 -9.37
CA ILE A 73 9.99 0.19 -8.36
C ILE A 73 8.62 -0.05 -8.97
N PHE A 74 8.02 -1.23 -8.71
CA PHE A 74 6.71 -1.57 -9.26
C PHE A 74 5.79 -1.90 -8.10
N ILE A 75 4.56 -1.41 -8.15
CA ILE A 75 3.54 -1.69 -7.13
C ILE A 75 2.60 -2.73 -7.68
N PHE A 76 2.29 -3.77 -6.86
CA PHE A 76 1.34 -4.83 -7.21
C PHE A 76 0.16 -4.81 -6.23
N VAL A 77 -1.03 -5.16 -6.73
CA VAL A 77 -2.16 -5.44 -5.84
CA VAL A 77 -2.18 -5.43 -5.86
C VAL A 77 -2.70 -6.80 -6.26
N ARG A 78 -2.87 -7.70 -5.28
CA ARG A 78 -3.34 -9.06 -5.65
C ARG A 78 -2.50 -9.63 -6.78
N ASN A 79 -1.18 -9.34 -6.73
CA ASN A 79 -0.19 -9.94 -7.61
C ASN A 79 -0.21 -9.37 -9.01
N VAL A 80 -0.99 -8.31 -9.27
CA VAL A 80 -1.03 -7.74 -10.61
CA VAL A 80 -1.06 -7.73 -10.60
C VAL A 80 -0.66 -6.27 -10.50
N LEU A 81 -0.12 -5.73 -11.61
CA LEU A 81 0.29 -4.31 -11.59
C LEU A 81 -0.92 -3.42 -11.86
N PRO A 82 -1.37 -2.58 -10.95
CA PRO A 82 -2.45 -1.64 -11.30
C PRO A 82 -1.88 -0.53 -12.16
N PRO A 83 -2.75 0.17 -12.89
CA PRO A 83 -2.25 1.27 -13.72
C PRO A 83 -1.67 2.38 -12.86
N THR A 84 -0.55 2.92 -13.32
CA THR A 84 0.13 4.05 -12.70
C THR A 84 -0.79 5.26 -12.55
N ALA A 85 -1.69 5.48 -13.52
CA ALA A 85 -2.57 6.64 -13.46
C ALA A 85 -3.76 6.45 -12.55
N ALA A 86 -4.02 5.22 -12.07
CA ALA A 86 -5.17 4.96 -11.24
C ALA A 86 -5.03 5.68 -9.92
N MET A 87 -6.13 6.20 -9.41
CA MET A 87 -6.18 6.79 -8.08
C MET A 87 -6.36 5.72 -7.00
N MET A 88 -5.74 5.95 -5.85
CA MET A 88 -5.84 4.98 -4.76
CA MET A 88 -5.84 4.97 -4.78
C MET A 88 -7.28 4.68 -4.39
N SER A 89 -8.18 5.69 -4.47
CA SER A 89 -9.58 5.39 -4.20
C SER A 89 -10.12 4.30 -5.13
N ALA A 90 -9.71 4.34 -6.40
CA ALA A 90 -10.19 3.34 -7.35
C ALA A 90 -9.68 1.95 -7.00
N ILE A 91 -8.37 1.83 -6.74
CA ILE A 91 -7.79 0.53 -6.40
C ILE A 91 -8.44 -0.04 -5.13
N TYR A 92 -8.68 0.84 -4.16
CA TYR A 92 -9.36 0.43 -2.94
C TYR A 92 -10.74 -0.12 -3.27
N ASP A 93 -11.54 0.69 -3.97
CA ASP A 93 -12.91 0.27 -4.31
C ASP A 93 -12.97 -1.15 -4.90
N GLU A 94 -12.00 -1.48 -5.78
CA GLU A 94 -12.01 -2.70 -6.60
C GLU A 94 -11.24 -3.87 -6.03
N HIS A 95 -10.26 -3.65 -5.13
CA HIS A 95 -9.36 -4.70 -4.67
C HIS A 95 -9.16 -4.72 -3.15
N LYS A 96 -9.93 -3.92 -2.41
CA LYS A 96 -9.82 -3.91 -0.97
C LYS A 96 -10.02 -5.32 -0.40
N ASP A 97 -9.32 -5.58 0.69
CA ASP A 97 -9.37 -6.85 1.37
C ASP A 97 -10.66 -6.97 2.19
N ASP A 98 -11.01 -8.23 2.54
CA ASP A 98 -12.18 -8.44 3.38
C ASP A 98 -12.05 -7.73 4.73
N ASP A 99 -10.82 -7.44 5.17
CA ASP A 99 -10.68 -6.78 6.45
C ASP A 99 -10.82 -5.27 6.36
N GLY A 100 -10.94 -4.70 5.15
CA GLY A 100 -11.13 -3.27 4.98
C GLY A 100 -9.88 -2.51 4.59
N PHE A 101 -8.74 -3.17 4.62
CA PHE A 101 -7.50 -2.55 4.21
C PHE A 101 -7.26 -2.86 2.75
N LEU A 102 -6.49 -2.00 2.09
CA LEU A 102 -5.94 -2.32 0.79
C LEU A 102 -4.51 -2.80 1.01
N TYR A 103 -4.15 -3.96 0.45
CA TYR A 103 -2.82 -4.52 0.62
C TYR A 103 -2.08 -4.32 -0.70
N LEU A 104 -0.91 -3.68 -0.64
CA LEU A 104 -0.05 -3.47 -1.80
C LEU A 104 1.25 -4.22 -1.56
N THR A 105 1.87 -4.77 -2.62
CA THR A 105 3.26 -5.20 -2.50
C THR A 105 4.13 -4.43 -3.51
N TYR A 106 5.43 -4.46 -3.33
CA TYR A 106 6.28 -3.76 -4.28
C TYR A 106 7.54 -4.59 -4.54
N SER A 107 8.15 -4.36 -5.70
CA SER A 107 9.39 -5.03 -6.02
C SER A 107 10.15 -4.14 -6.99
N GLY A 108 11.36 -4.59 -7.33
CA GLY A 108 12.11 -3.98 -8.43
C GLY A 108 11.98 -4.79 -9.70
N GLU A 109 12.99 -4.69 -10.55
CA GLU A 109 13.02 -5.47 -11.76
C GLU A 109 13.70 -6.83 -11.46
N ASP B 1 0.10 3.43 14.98
CA ASP B 1 0.19 4.71 14.28
C ASP B 1 0.36 4.52 12.80
N TRP B 2 -0.13 5.53 12.08
CA TRP B 2 -0.18 5.57 10.61
C TRP B 2 0.86 6.51 10.01
N GLU B 3 1.50 6.11 8.90
CA GLU B 3 2.23 7.09 8.12
C GLU B 3 1.24 7.90 7.28
N ILE B 4 1.37 9.23 7.31
CA ILE B 4 0.46 10.12 6.59
C ILE B 4 1.18 10.68 5.36
N VAL B 5 0.62 10.40 4.17
CA VAL B 5 1.21 10.82 2.92
C VAL B 5 0.62 12.14 2.41
#